data_3RNO
#
_entry.id   3RNO
#
_cell.length_a   126.664
_cell.length_b   126.664
_cell.length_c   108.494
_cell.angle_alpha   90.000
_cell.angle_beta   90.000
_cell.angle_gamma   120.000
#
_symmetry.space_group_name_H-M   'H 3 2'
#
loop_
_entity.id
_entity.type
_entity.pdbx_description
1 polymer 'Apolipoprotein A-I-binding protein'
2 non-polymer 'NADP NICOTINAMIDE-ADENINE-DINUCLEOTIDE PHOSPHATE'
3 water water
#
_entity_poly.entity_id   1
_entity_poly.type   'polypeptide(L)'
_entity_poly.pdbx_seq_one_letter_code
;(MSE)QQSVCRARPIWWGTQRRGSET(MSE)AGAAVKYLSQEEAQAVDQELFNEYQFSVDQL(MSE)ELAGLSCATAIAK
AYPPTS(MSE)SKSPPTVLVICGPGNNGGDGLVCARHLKLFGYQPTIYYPKRPNKPLFTGLVTQCQK(MSE)DIPFLGE
(MSE)PPEP(MSE)(MSE)VDELYELVVDAIFGFSFKGDVREPFHSILSVLSGLTVPIASIDIPSGWDVEKGNPSGIQPD
LLISLTAPKKSATHFTGRYHYLGGRFVPPALEKKYQLNLPSYPDTECVYRLQHHHHHH
;
_entity_poly.pdbx_strand_id   A
#
loop_
_chem_comp.id
_chem_comp.type
_chem_comp.name
_chem_comp.formula
NAP non-polymer 'NADP NICOTINAMIDE-ADENINE-DINUCLEOTIDE PHOSPHATE' 'C21 H28 N7 O17 P3'
#
# COMPACT_ATOMS: atom_id res chain seq x y z
N ALA A 27 12.34 -0.79 -20.72
CA ALA A 27 12.09 -0.91 -19.26
C ALA A 27 11.20 0.24 -18.81
N VAL A 28 10.46 0.02 -17.72
CA VAL A 28 9.73 1.09 -17.08
C VAL A 28 10.71 1.94 -16.29
N LYS A 29 10.38 3.21 -16.11
CA LYS A 29 11.25 4.15 -15.39
C LYS A 29 10.94 4.13 -13.89
N TYR A 30 12.00 4.37 -13.11
CA TYR A 30 12.00 4.29 -11.64
C TYR A 30 12.23 5.72 -11.15
N LEU A 31 11.31 6.26 -10.36
CA LEU A 31 11.31 7.69 -10.10
C LEU A 31 12.13 8.10 -8.88
N SER A 32 12.79 9.27 -8.96
CA SER A 32 13.35 9.95 -7.77
C SER A 32 12.21 10.54 -6.91
N GLN A 33 12.51 10.85 -5.65
CA GLN A 33 11.51 11.49 -4.77
C GLN A 33 11.05 12.81 -5.41
N GLU A 34 12.01 13.54 -6.02
CA GLU A 34 11.69 14.76 -6.73
C GLU A 34 10.66 14.50 -7.82
N GLU A 35 10.95 13.55 -8.71
CA GLU A 35 10.03 13.17 -9.80
C GLU A 35 8.67 12.72 -9.29
N ALA A 36 8.66 11.85 -8.30
CA ALA A 36 7.39 11.40 -7.72
C ALA A 36 6.54 12.58 -7.22
N GLN A 37 7.16 13.51 -6.48
CA GLN A 37 6.45 14.72 -6.01
C GLN A 37 5.99 15.54 -7.18
N ALA A 38 6.76 15.52 -8.27
CA ALA A 38 6.44 16.37 -9.44
C ALA A 38 5.23 15.80 -10.13
N VAL A 39 5.25 14.49 -10.30
CA VAL A 39 4.15 13.78 -10.90
C VAL A 39 2.87 13.85 -10.05
N ASP A 40 2.98 13.62 -8.76
CA ASP A 40 1.80 13.64 -7.97
C ASP A 40 1.17 15.04 -7.91
N GLN A 41 2.02 16.06 -7.92
CA GLN A 41 1.54 17.43 -7.90
C GLN A 41 0.90 17.79 -9.23
N GLU A 42 1.45 17.25 -10.32
CA GLU A 42 0.92 17.51 -11.65
C GLU A 42 -0.52 17.00 -11.72
N LEU A 43 -0.72 15.77 -11.27
CA LEU A 43 -2.04 15.17 -11.17
C LEU A 43 -3.11 15.96 -10.41
N PHE A 44 -2.74 16.57 -9.29
CA PHE A 44 -3.72 17.32 -8.53
C PHE A 44 -3.92 18.77 -8.97
N ASN A 45 -2.95 19.38 -9.63
CA ASN A 45 -3.11 20.76 -10.01
C ASN A 45 -3.38 20.91 -11.49
N GLU A 46 -2.47 20.39 -12.30
CA GLU A 46 -2.61 20.43 -13.73
C GLU A 46 -3.84 19.62 -14.23
N TYR A 47 -4.04 18.41 -13.73
CA TYR A 47 -5.16 17.56 -14.15
C TYR A 47 -6.35 17.68 -13.24
N GLN A 48 -6.15 18.22 -12.04
CA GLN A 48 -7.22 18.44 -11.07
C GLN A 48 -8.01 17.22 -10.75
N PHE A 49 -7.31 16.13 -10.49
CA PHE A 49 -7.93 15.00 -9.84
C PHE A 49 -8.02 15.36 -8.40
N SER A 50 -9.09 14.95 -7.74
CA SER A 50 -9.15 15.17 -6.30
C SER A 50 -8.49 13.99 -5.56
N VAL A 51 -7.97 14.27 -4.38
CA VAL A 51 -7.31 13.22 -3.61
C VAL A 51 -8.17 12.00 -3.48
N ASP A 52 -9.48 12.13 -3.24
CA ASP A 52 -10.23 10.91 -3.03
C ASP A 52 -10.51 10.08 -4.26
N GLN A 53 -10.46 10.70 -5.45
CA GLN A 53 -10.51 9.94 -6.69
C GLN A 53 -9.28 9.08 -6.79
N LEU A 54 -8.09 9.63 -6.75
CA LEU A 54 -6.93 8.77 -6.95
C LEU A 54 -6.75 7.81 -5.80
N MSE A 55 -7.14 8.19 -4.62
CA MSE A 55 -6.96 7.26 -3.47
C MSE A 55 -7.88 6.08 -3.65
O MSE A 55 -7.54 4.95 -3.41
CB MSE A 55 -7.31 7.97 -2.21
CG MSE A 55 -7.18 7.18 -0.94
SE MSE A 55 -7.16 8.44 0.60
CE MSE A 55 -5.41 9.42 0.26
N GLU A 56 -9.08 6.33 -4.15
CA GLU A 56 -9.97 5.24 -4.42
C GLU A 56 -9.38 4.29 -5.45
N LEU A 57 -8.83 4.81 -6.53
CA LEU A 57 -8.27 3.91 -7.54
C LEU A 57 -7.05 3.20 -6.98
N ALA A 58 -6.19 3.92 -6.25
CA ALA A 58 -4.97 3.31 -5.73
C ALA A 58 -5.31 2.19 -4.79
N GLY A 59 -6.21 2.47 -3.85
CA GLY A 59 -6.67 1.42 -2.96
C GLY A 59 -7.28 0.18 -3.63
N LEU A 60 -8.02 0.38 -4.69
CA LEU A 60 -8.57 -0.73 -5.42
C LEU A 60 -7.46 -1.51 -6.14
N SER A 61 -6.50 -0.80 -6.76
CA SER A 61 -5.33 -1.44 -7.35
C SER A 61 -4.68 -2.39 -6.32
N CYS A 62 -4.40 -1.88 -5.14
CA CYS A 62 -3.81 -2.72 -4.07
C CYS A 62 -4.64 -3.97 -3.72
N ALA A 63 -5.93 -3.77 -3.51
CA ALA A 63 -6.77 -4.89 -3.11
C ALA A 63 -6.74 -5.92 -4.23
N THR A 64 -6.66 -5.46 -5.46
CA THR A 64 -6.59 -6.36 -6.58
C THR A 64 -5.23 -7.02 -6.73
N ALA A 65 -4.17 -6.28 -6.49
CA ALA A 65 -2.86 -6.91 -6.55
C ALA A 65 -2.85 -8.00 -5.52
N ILE A 66 -3.47 -7.76 -4.39
CA ILE A 66 -3.40 -8.72 -3.29
C ILE A 66 -4.22 -9.93 -3.62
N ALA A 67 -5.34 -9.72 -4.30
CA ALA A 67 -6.20 -10.85 -4.66
C ALA A 67 -5.60 -11.64 -5.76
N LYS A 68 -4.77 -11.05 -6.60
CA LYS A 68 -4.10 -11.85 -7.64
C LYS A 68 -2.91 -12.61 -7.08
N ALA A 69 -2.13 -12.04 -6.17
CA ALA A 69 -1.01 -12.76 -5.58
C ALA A 69 -1.43 -13.77 -4.50
N TYR A 70 -2.40 -13.43 -3.64
CA TYR A 70 -2.83 -14.36 -2.58
C TYR A 70 -4.30 -14.62 -2.62
N PRO A 71 -4.75 -15.34 -3.63
CA PRO A 71 -6.19 -15.50 -3.74
C PRO A 71 -6.78 -16.33 -2.62
N PRO A 72 -8.04 -16.04 -2.27
CA PRO A 72 -8.67 -16.60 -1.07
C PRO A 72 -8.67 -18.10 -1.10
N THR A 73 -9.00 -18.67 -2.25
CA THR A 73 -9.22 -20.09 -2.35
C THR A 73 -7.93 -20.84 -2.06
N SER A 74 -6.80 -20.14 -2.20
CA SER A 74 -5.46 -20.74 -2.12
C SER A 74 -4.84 -20.61 -0.73
N MSE A 75 -5.66 -20.27 0.26
CA MSE A 75 -5.19 -19.95 1.60
C MSE A 75 -5.90 -20.85 2.54
O MSE A 75 -7.03 -21.19 2.30
CB MSE A 75 -5.60 -18.55 1.92
CG MSE A 75 -5.14 -17.56 0.89
SE MSE A 75 -3.73 -16.44 1.57
CE MSE A 75 -4.87 -15.07 2.46
N SER A 76 -5.28 -21.20 3.64
CA SER A 76 -5.88 -22.16 4.59
C SER A 76 -7.20 -21.70 5.31
N LYS A 77 -7.27 -20.47 5.81
CA LYS A 77 -8.50 -20.02 6.49
C LYS A 77 -9.54 -19.61 5.46
N SER A 78 -10.80 -19.72 5.86
CA SER A 78 -11.93 -19.52 4.98
C SER A 78 -13.05 -18.78 5.71
N PRO A 79 -13.16 -17.43 5.57
CA PRO A 79 -12.41 -16.48 4.74
C PRO A 79 -11.03 -16.14 5.29
N PRO A 80 -10.15 -15.70 4.42
CA PRO A 80 -8.79 -15.45 4.88
C PRO A 80 -8.66 -14.07 5.48
N THR A 81 -7.82 -14.00 6.51
CA THR A 81 -7.73 -12.86 7.39
C THR A 81 -6.53 -12.02 6.97
N VAL A 82 -6.65 -10.69 7.08
CA VAL A 82 -5.62 -9.75 6.65
C VAL A 82 -5.52 -8.65 7.67
N LEU A 83 -4.31 -8.25 8.02
CA LEU A 83 -4.20 -7.10 8.91
C LEU A 83 -3.64 -6.00 8.10
N VAL A 84 -4.35 -4.86 8.05
CA VAL A 84 -3.88 -3.69 7.33
C VAL A 84 -3.48 -2.63 8.33
N ILE A 85 -2.20 -2.25 8.27
CA ILE A 85 -1.64 -1.23 9.16
C ILE A 85 -1.50 0.09 8.40
N CYS A 86 -2.26 1.09 8.84
CA CYS A 86 -2.34 2.38 8.18
C CYS A 86 -1.63 3.46 8.97
N GLY A 87 -0.77 4.19 8.26
CA GLY A 87 -0.01 5.27 8.83
C GLY A 87 -0.75 6.61 8.79
N PRO A 88 -0.05 7.72 9.01
CA PRO A 88 -0.73 8.98 9.33
C PRO A 88 -0.96 9.96 8.18
N GLY A 89 -0.83 9.49 6.93
CA GLY A 89 -1.00 10.31 5.75
C GLY A 89 -1.74 9.55 4.69
N ASN A 90 -1.37 9.80 3.44
CA ASN A 90 -2.12 9.30 2.29
C ASN A 90 -1.89 7.83 2.07
N ASN A 91 -0.72 7.33 2.41
CA ASN A 91 -0.45 5.90 2.28
C ASN A 91 -1.46 5.18 3.16
N GLY A 92 -1.67 5.70 4.35
CA GLY A 92 -2.62 5.07 5.24
C GLY A 92 -4.01 5.14 4.67
N GLY A 93 -4.32 6.27 4.04
CA GLY A 93 -5.58 6.40 3.31
C GLY A 93 -5.75 5.35 2.25
N ASP A 94 -4.68 5.05 1.51
CA ASP A 94 -4.75 3.99 0.52
C ASP A 94 -5.09 2.71 1.22
N GLY A 95 -4.55 2.55 2.43
CA GLY A 95 -4.75 1.37 3.17
C GLY A 95 -6.20 1.17 3.53
N LEU A 96 -6.88 2.21 3.99
CA LEU A 96 -8.30 2.05 4.35
C LEU A 96 -9.16 1.69 3.11
N VAL A 97 -8.87 2.31 1.96
CA VAL A 97 -9.60 1.97 0.77
C VAL A 97 -9.34 0.49 0.47
N CYS A 98 -8.07 0.13 0.48
CA CYS A 98 -7.70 -1.24 0.26
C CYS A 98 -8.43 -2.27 1.19
N ALA A 99 -8.50 -1.96 2.47
CA ALA A 99 -9.22 -2.85 3.41
C ALA A 99 -10.64 -3.09 2.95
N ARG A 100 -11.21 -2.02 2.48
CA ARG A 100 -12.61 -2.03 2.17
C ARG A 100 -12.88 -2.87 0.91
N HIS A 101 -12.07 -2.69 -0.12
CA HIS A 101 -12.21 -3.56 -1.30
C HIS A 101 -11.87 -5.02 -1.00
N LEU A 102 -10.86 -5.26 -0.17
CA LEU A 102 -10.60 -6.63 0.28
C LEU A 102 -11.78 -7.31 0.92
N LYS A 103 -12.56 -6.58 1.66
CA LYS A 103 -13.68 -7.20 2.30
C LYS A 103 -14.65 -7.72 1.22
N LEU A 104 -14.97 -6.82 0.28
CA LEU A 104 -15.85 -7.18 -0.81
C LEU A 104 -15.27 -8.28 -1.65
N PHE A 105 -13.95 -8.35 -1.79
CA PHE A 105 -13.41 -9.47 -2.53
C PHE A 105 -13.43 -10.78 -1.74
N GLY A 106 -13.98 -10.82 -0.53
CA GLY A 106 -14.00 -12.09 0.23
C GLY A 106 -12.87 -12.37 1.22
N TYR A 107 -12.07 -11.36 1.59
CA TYR A 107 -11.11 -11.50 2.68
C TYR A 107 -11.83 -11.01 3.93
N GLN A 108 -11.28 -11.31 5.09
CA GLN A 108 -11.76 -10.76 6.35
C GLN A 108 -10.65 -9.83 6.97
N PRO A 109 -10.67 -8.55 6.60
CA PRO A 109 -9.61 -7.65 7.05
C PRO A 109 -9.90 -7.08 8.43
N THR A 110 -8.82 -6.74 9.15
CA THR A 110 -8.78 -6.03 10.39
C THR A 110 -7.84 -4.85 10.13
N ILE A 111 -8.10 -3.69 10.71
CA ILE A 111 -7.27 -2.53 10.54
C ILE A 111 -6.66 -2.12 11.84
N TYR A 112 -5.42 -1.63 11.78
CA TYR A 112 -4.85 -0.90 12.86
C TYR A 112 -4.40 0.43 12.31
N TYR A 113 -4.97 1.48 12.90
CA TYR A 113 -4.86 2.88 12.48
C TYR A 113 -4.62 3.81 13.70
N PRO A 114 -3.38 3.90 14.15
CA PRO A 114 -3.13 4.55 15.41
C PRO A 114 -3.13 6.08 15.39
N LYS A 115 -2.78 6.70 14.27
CA LYS A 115 -2.65 8.16 14.22
C LYS A 115 -3.45 8.64 13.07
N ARG A 116 -4.59 9.22 13.41
CA ARG A 116 -5.62 9.51 12.45
C ARG A 116 -5.79 11.00 12.24
N PRO A 117 -5.46 11.50 11.04
CA PRO A 117 -5.63 12.92 10.84
C PRO A 117 -7.11 13.30 10.85
N ASN A 118 -7.42 14.40 11.53
CA ASN A 118 -8.78 14.84 11.67
C ASN A 118 -9.20 15.70 10.46
N LYS A 119 -9.45 15.02 9.34
CA LYS A 119 -9.91 15.64 8.13
C LYS A 119 -11.03 14.76 7.56
N PRO A 120 -12.04 15.39 6.97
CA PRO A 120 -13.23 14.70 6.46
C PRO A 120 -12.92 13.47 5.63
N LEU A 121 -11.93 13.56 4.76
CA LEU A 121 -11.52 12.44 3.90
C LEU A 121 -11.27 11.22 4.73
N PHE A 122 -10.55 11.43 5.81
CA PHE A 122 -10.13 10.30 6.67
C PHE A 122 -11.24 9.87 7.61
N THR A 123 -12.01 10.84 8.17
CA THR A 123 -13.10 10.46 9.02
C THR A 123 -14.17 9.74 8.19
N GLY A 124 -14.33 10.05 6.90
CA GLY A 124 -15.31 9.35 6.08
C GLY A 124 -14.85 7.94 5.84
N LEU A 125 -13.57 7.79 5.50
CA LEU A 125 -13.03 6.49 5.20
C LEU A 125 -13.16 5.60 6.39
N VAL A 126 -12.92 6.15 7.58
CA VAL A 126 -13.03 5.36 8.79
C VAL A 126 -14.47 4.90 9.01
N THR A 127 -15.46 5.77 8.76
CA THR A 127 -16.84 5.38 9.00
C THR A 127 -17.26 4.25 8.06
N GLN A 128 -16.78 4.34 6.83
CA GLN A 128 -17.08 3.39 5.79
C GLN A 128 -16.66 2.00 6.22
N CYS A 129 -15.42 1.88 6.64
CA CYS A 129 -14.92 0.57 7.11
C CYS A 129 -15.66 0.06 8.35
N GLN A 130 -15.91 0.97 9.28
CA GLN A 130 -16.64 0.64 10.48
C GLN A 130 -17.99 0.05 10.16
N LYS A 131 -18.74 0.66 9.24
CA LYS A 131 -20.12 0.18 9.03
C LYS A 131 -20.15 -1.02 8.06
N MSE A 132 -18.99 -1.34 7.51
CA MSE A 132 -18.77 -2.62 6.88
C MSE A 132 -18.23 -3.71 7.79
O MSE A 132 -17.84 -4.77 7.33
CB MSE A 132 -17.83 -2.43 5.72
CG MSE A 132 -18.54 -1.55 4.67
SE MSE A 132 -17.55 -1.54 3.04
CE MSE A 132 -17.82 -3.44 2.73
N ASP A 133 -18.28 -3.47 9.09
CA ASP A 133 -17.91 -4.45 10.09
C ASP A 133 -16.46 -4.88 9.96
N ILE A 134 -15.61 -3.97 9.48
CA ILE A 134 -14.19 -4.12 9.53
C ILE A 134 -13.71 -3.56 10.85
N PRO A 135 -13.00 -4.35 11.65
CA PRO A 135 -12.65 -3.83 12.95
C PRO A 135 -11.31 -3.09 13.00
N PHE A 136 -11.25 -2.06 13.83
CA PHE A 136 -10.04 -1.28 14.09
C PHE A 136 -9.55 -1.72 15.43
N LEU A 137 -8.38 -2.34 15.47
CA LEU A 137 -7.81 -2.75 16.77
C LEU A 137 -7.44 -1.51 17.59
N GLY A 138 -7.47 -1.66 18.90
CA GLY A 138 -7.05 -0.58 19.78
C GLY A 138 -5.57 -0.62 20.06
N GLU A 139 -4.95 -1.79 19.88
CA GLU A 139 -3.54 -1.92 20.11
C GLU A 139 -3.01 -2.93 19.12
N MSE A 140 -1.79 -2.69 18.67
CA MSE A 140 -1.04 -3.66 17.88
C MSE A 140 -0.83 -4.92 18.75
O MSE A 140 -0.49 -4.79 19.95
CB MSE A 140 0.32 -3.04 17.60
CG MSE A 140 1.20 -3.80 16.67
SE MSE A 140 0.51 -3.80 14.84
CE MSE A 140 1.76 -5.16 14.19
N PRO A 141 -1.05 -6.14 18.19
CA PRO A 141 -0.67 -7.34 18.97
C PRO A 141 0.81 -7.25 19.22
N PRO A 142 1.21 -7.44 20.43
CA PRO A 142 2.57 -7.04 20.78
C PRO A 142 3.68 -7.99 20.30
N GLU A 143 3.32 -9.22 19.86
CA GLU A 143 4.27 -10.26 19.43
C GLU A 143 4.05 -10.74 18.02
N PRO A 144 5.13 -10.95 17.27
CA PRO A 144 5.10 -11.50 15.93
C PRO A 144 4.29 -12.78 15.84
N MSE A 145 4.45 -13.61 16.83
CA MSE A 145 3.71 -14.83 16.90
C MSE A 145 2.23 -14.59 16.88
O MSE A 145 1.50 -15.27 16.16
CB MSE A 145 4.07 -15.60 18.16
CG MSE A 145 4.03 -17.08 17.91
SE MSE A 145 3.73 -18.15 19.51
CE MSE A 145 2.12 -16.96 20.11
N MSE A 146 1.77 -13.62 17.65
CA MSE A 146 0.34 -13.39 17.67
C MSE A 146 -0.22 -12.85 16.36
O MSE A 146 -1.28 -13.27 15.90
CB MSE A 146 -0.01 -12.49 18.81
CG MSE A 146 -0.06 -13.29 20.08
SE MSE A 146 -0.24 -12.05 21.51
CE MSE A 146 0.78 -13.05 22.87
N VAL A 147 0.50 -11.93 15.74
CA VAL A 147 0.13 -11.46 14.42
C VAL A 147 0.02 -12.67 13.49
N ASP A 148 1.04 -13.52 13.49
CA ASP A 148 1.10 -14.69 12.66
C ASP A 148 -0.10 -15.64 12.83
N GLU A 149 -0.52 -15.91 14.07
CA GLU A 149 -1.61 -16.84 14.34
C GLU A 149 -2.94 -16.24 13.92
N LEU A 150 -3.08 -14.93 13.98
CA LEU A 150 -4.36 -14.31 13.62
C LEU A 150 -4.50 -13.82 12.19
N TYR A 151 -3.41 -13.48 11.52
CA TYR A 151 -3.54 -12.76 10.27
C TYR A 151 -2.70 -13.52 9.26
N GLU A 152 -3.27 -13.86 8.13
CA GLU A 152 -2.55 -14.67 7.16
C GLU A 152 -1.74 -13.80 6.23
N LEU A 153 -2.11 -12.52 6.15
CA LEU A 153 -1.34 -11.58 5.39
C LEU A 153 -1.35 -10.25 6.13
N VAL A 154 -0.30 -9.46 5.93
CA VAL A 154 -0.26 -8.17 6.58
C VAL A 154 0.04 -7.16 5.54
N VAL A 155 -0.73 -6.06 5.52
CA VAL A 155 -0.53 -4.98 4.57
C VAL A 155 0.09 -3.75 5.23
N ASP A 156 1.22 -3.32 4.68
CA ASP A 156 1.99 -2.19 5.18
C ASP A 156 1.57 -0.95 4.42
N ALA A 157 0.71 -0.16 5.04
CA ALA A 157 0.20 1.09 4.51
C ALA A 157 0.59 2.23 5.45
N ILE A 158 1.82 2.20 5.93
CA ILE A 158 2.26 3.13 6.97
C ILE A 158 2.84 4.40 6.42
N PHE A 159 3.99 4.28 5.76
CA PHE A 159 4.64 5.41 5.06
C PHE A 159 4.81 5.18 3.57
N GLY A 160 4.76 6.29 2.83
CA GLY A 160 4.97 6.26 1.40
C GLY A 160 6.11 7.18 0.99
N PHE A 161 6.04 7.66 -0.24
CA PHE A 161 7.20 8.30 -0.81
C PHE A 161 7.60 9.61 -0.15
N SER A 162 6.73 10.26 0.62
CA SER A 162 7.13 11.54 1.25
C SER A 162 7.76 11.38 2.66
N PHE A 163 7.93 10.14 3.11
CA PHE A 163 8.73 9.84 4.31
C PHE A 163 10.22 10.32 4.25
N LYS A 164 10.69 10.78 5.42
CA LYS A 164 12.03 11.29 5.65
C LYS A 164 12.34 11.14 7.15
N GLY A 165 13.62 11.17 7.53
CA GLY A 165 14.07 11.20 8.94
C GLY A 165 13.75 9.96 9.78
N ASP A 166 14.07 10.01 11.09
CA ASP A 166 13.80 8.88 12.02
C ASP A 166 12.30 8.58 12.09
N VAL A 167 11.99 7.30 12.23
CA VAL A 167 10.63 6.86 12.47
C VAL A 167 10.41 7.08 13.96
N ARG A 168 9.28 7.70 14.28
CA ARG A 168 8.90 8.02 15.65
C ARG A 168 7.75 7.12 16.08
N GLU A 169 7.43 7.14 17.37
CA GLU A 169 6.37 6.24 17.86
C GLU A 169 4.97 6.66 17.39
N PRO A 170 4.03 5.71 17.35
CA PRO A 170 4.21 4.29 17.65
C PRO A 170 4.83 3.43 16.52
N PHE A 171 5.36 4.05 15.45
CA PHE A 171 5.72 3.30 14.23
C PHE A 171 7.04 2.64 14.32
N HIS A 172 7.94 3.19 15.11
CA HIS A 172 9.19 2.51 15.30
C HIS A 172 8.98 1.06 15.76
N SER A 173 8.10 0.89 16.74
CA SER A 173 7.94 -0.39 17.36
C SER A 173 6.96 -1.26 16.58
N ILE A 174 6.06 -0.65 15.83
CA ILE A 174 5.25 -1.42 14.90
C ILE A 174 6.12 -2.09 13.85
N LEU A 175 7.04 -1.34 13.23
CA LEU A 175 7.96 -1.87 12.23
C LEU A 175 8.80 -2.97 12.80
N SER A 176 9.14 -2.80 14.03
CA SER A 176 9.93 -3.78 14.72
C SER A 176 9.21 -5.14 14.83
N VAL A 177 7.92 -5.11 15.09
CA VAL A 177 7.14 -6.34 15.16
C VAL A 177 7.12 -6.95 13.77
N LEU A 178 6.81 -6.12 12.79
CA LEU A 178 6.80 -6.54 11.38
C LEU A 178 8.04 -7.24 10.93
N SER A 179 9.20 -6.74 11.35
CA SER A 179 10.45 -7.43 11.03
C SER A 179 10.43 -8.85 11.47
N GLY A 180 9.74 -9.15 12.55
CA GLY A 180 9.77 -10.50 13.08
C GLY A 180 8.74 -11.44 12.47
N LEU A 181 7.85 -10.98 11.61
CA LEU A 181 6.76 -11.83 11.16
C LEU A 181 7.23 -12.97 10.29
N THR A 182 6.45 -14.06 10.28
CA THR A 182 6.71 -15.15 9.34
C THR A 182 5.66 -15.21 8.21
N VAL A 183 4.59 -14.44 8.32
CA VAL A 183 3.60 -14.39 7.25
C VAL A 183 3.98 -13.27 6.25
N PRO A 184 3.38 -13.28 5.06
CA PRO A 184 3.81 -12.33 4.06
C PRO A 184 3.36 -10.91 4.36
N ILE A 185 4.21 -9.95 4.01
CA ILE A 185 3.88 -8.56 4.03
C ILE A 185 3.69 -8.05 2.60
N ALA A 186 2.64 -7.28 2.37
CA ALA A 186 2.42 -6.56 1.12
C ALA A 186 2.54 -5.08 1.43
N SER A 187 3.46 -4.38 0.76
CA SER A 187 3.67 -2.94 1.00
C SER A 187 3.14 -2.12 -0.16
N ILE A 188 2.49 -1.00 0.19
CA ILE A 188 1.91 -0.05 -0.70
C ILE A 188 2.91 1.05 -1.00
N ASP A 189 3.32 1.05 -2.26
CA ASP A 189 4.17 2.05 -2.95
C ASP A 189 5.65 1.98 -2.57
N ILE A 190 5.93 2.00 -1.27
CA ILE A 190 7.26 1.82 -0.68
C ILE A 190 7.14 0.97 0.58
N PRO A 191 8.13 0.11 0.82
CA PRO A 191 8.25 -0.59 2.09
C PRO A 191 8.55 0.40 3.17
N SER A 192 7.61 0.58 4.08
CA SER A 192 7.75 1.59 5.09
C SER A 192 9.06 1.35 5.84
N GLY A 193 9.81 2.42 6.09
CA GLY A 193 11.10 2.29 6.78
C GLY A 193 12.27 2.35 5.84
N TRP A 194 12.03 2.12 4.56
CA TRP A 194 13.09 2.26 3.60
C TRP A 194 13.24 3.74 3.29
N ASP A 195 14.48 4.15 3.08
CA ASP A 195 14.75 5.43 2.46
C ASP A 195 14.16 5.34 1.05
N VAL A 196 13.40 6.38 0.65
CA VAL A 196 12.63 6.36 -0.62
C VAL A 196 13.44 6.08 -1.91
N GLU A 197 14.73 6.44 -1.91
CA GLU A 197 15.62 6.16 -3.03
C GLU A 197 16.57 4.99 -2.69
N LYS A 198 17.33 5.13 -1.59
CA LYS A 198 18.38 4.16 -1.21
C LYS A 198 17.90 2.86 -0.50
N GLY A 199 16.65 2.84 -0.02
CA GLY A 199 16.09 1.63 0.61
C GLY A 199 16.64 1.37 2.01
N ASN A 200 16.56 0.12 2.47
CA ASN A 200 17.04 -0.20 3.82
C ASN A 200 17.39 -1.67 4.02
N PRO A 201 18.69 -1.98 3.98
CA PRO A 201 19.25 -3.31 4.21
C PRO A 201 18.71 -4.07 5.43
N SER A 202 18.41 -3.36 6.52
CA SER A 202 17.85 -4.00 7.73
C SER A 202 16.37 -3.67 7.98
N GLY A 203 15.71 -3.07 6.97
CA GLY A 203 14.32 -2.70 7.08
C GLY A 203 13.42 -3.92 6.96
N ILE A 204 12.11 -3.69 6.82
CA ILE A 204 11.21 -4.81 6.55
C ILE A 204 11.46 -5.29 5.13
N GLN A 205 11.22 -6.58 4.87
CA GLN A 205 11.45 -7.20 3.59
C GLN A 205 10.13 -7.79 3.09
N PRO A 206 9.29 -7.00 2.42
CA PRO A 206 8.00 -7.55 2.01
C PRO A 206 8.06 -8.54 0.87
N ASP A 207 6.99 -9.27 0.70
CA ASP A 207 6.89 -10.33 -0.28
C ASP A 207 6.16 -9.83 -1.53
N LEU A 208 5.33 -8.78 -1.38
CA LEU A 208 4.62 -8.15 -2.48
C LEU A 208 4.74 -6.67 -2.34
N LEU A 209 5.09 -5.99 -3.43
CA LEU A 209 5.22 -4.56 -3.44
C LEU A 209 4.37 -4.07 -4.52
N ILE A 210 3.37 -3.24 -4.19
CA ILE A 210 2.52 -2.57 -5.20
C ILE A 210 3.05 -1.16 -5.40
N SER A 211 3.68 -0.90 -6.55
CA SER A 211 4.16 0.43 -6.90
C SER A 211 3.00 1.18 -7.50
N LEU A 212 2.66 2.35 -6.97
CA LEU A 212 1.55 3.14 -7.48
C LEU A 212 2.06 4.18 -8.47
N THR A 213 1.41 4.24 -9.63
CA THR A 213 1.67 5.21 -10.70
C THR A 213 2.86 4.77 -11.47
N ALA A 214 3.98 4.67 -10.76
CA ALA A 214 5.25 4.23 -11.32
C ALA A 214 6.13 3.71 -10.17
N PRO A 215 7.02 2.78 -10.47
CA PRO A 215 7.90 2.47 -9.39
C PRO A 215 8.85 3.61 -9.05
N LYS A 216 9.29 3.56 -7.79
CA LYS A 216 10.27 4.48 -7.19
C LYS A 216 11.61 3.76 -7.16
N LYS A 217 12.70 4.54 -7.16
CA LYS A 217 14.08 3.99 -7.15
C LYS A 217 14.39 2.99 -6.02
N SER A 218 13.77 3.13 -4.85
CA SER A 218 13.95 2.07 -3.82
C SER A 218 13.55 0.68 -4.34
N ALA A 219 12.59 0.63 -5.26
CA ALA A 219 12.14 -0.62 -5.84
C ALA A 219 13.25 -1.44 -6.47
N THR A 220 14.36 -0.83 -6.95
CA THR A 220 15.53 -1.63 -7.41
C THR A 220 16.08 -2.58 -6.31
N HIS A 221 15.97 -2.19 -5.04
CA HIS A 221 16.42 -3.01 -3.93
C HIS A 221 15.37 -4.04 -3.48
N PHE A 222 14.28 -4.22 -4.25
CA PHE A 222 13.19 -5.16 -3.85
C PHE A 222 13.57 -6.57 -4.24
N THR A 223 13.35 -7.52 -3.31
CA THR A 223 13.67 -8.91 -3.59
C THR A 223 12.53 -9.89 -3.24
N GLY A 224 11.34 -9.40 -2.92
CA GLY A 224 10.21 -10.31 -2.73
C GLY A 224 9.80 -11.00 -4.03
N ARG A 225 8.76 -11.82 -3.99
CA ARG A 225 8.32 -12.58 -5.15
C ARG A 225 7.48 -11.75 -6.13
N TYR A 226 6.66 -10.83 -5.65
CA TYR A 226 5.66 -10.15 -6.47
C TYR A 226 5.82 -8.66 -6.49
N HIS A 227 5.97 -8.10 -7.67
CA HIS A 227 6.00 -6.68 -7.84
C HIS A 227 4.91 -6.30 -8.83
N TYR A 228 3.89 -5.57 -8.37
CA TYR A 228 2.81 -5.20 -9.23
C TYR A 228 2.84 -3.73 -9.41
N LEU A 229 2.37 -3.32 -10.57
CA LEU A 229 2.18 -1.91 -10.84
C LEU A 229 0.68 -1.60 -10.79
N GLY A 230 0.34 -0.57 -10.02
CA GLY A 230 -1.03 -0.14 -9.88
C GLY A 230 -1.20 1.36 -10.15
N GLY A 231 -2.44 1.83 -9.90
CA GLY A 231 -2.85 3.16 -10.26
C GLY A 231 -2.78 3.40 -11.78
N ARG A 232 -3.77 2.79 -12.47
CA ARG A 232 -4.04 2.97 -13.93
C ARG A 232 -4.90 4.22 -14.08
N PHE A 233 -4.25 5.35 -13.95
CA PHE A 233 -4.98 6.57 -14.16
C PHE A 233 -4.07 7.58 -14.80
N VAL A 234 -2.93 7.14 -15.29
CA VAL A 234 -1.95 8.08 -15.79
C VAL A 234 -2.37 8.54 -17.17
N PRO A 235 -2.75 9.81 -17.27
CA PRO A 235 -2.83 10.41 -18.55
C PRO A 235 -1.65 10.09 -19.45
N PRO A 236 -1.93 9.76 -20.68
CA PRO A 236 -0.88 9.62 -21.68
C PRO A 236 0.07 10.80 -21.69
N ALA A 237 -0.45 12.02 -21.55
CA ALA A 237 0.36 13.24 -21.73
C ALA A 237 1.35 13.42 -20.58
N LEU A 238 0.96 12.96 -19.40
CA LEU A 238 1.83 13.00 -18.21
C LEU A 238 2.91 11.91 -18.30
N GLU A 239 2.47 10.73 -18.71
CA GLU A 239 3.37 9.61 -18.89
C GLU A 239 4.39 9.87 -20.02
N LYS A 240 3.99 10.58 -21.06
CA LYS A 240 4.94 10.96 -22.13
C LYS A 240 5.95 12.03 -21.60
N LYS A 241 5.44 13.07 -20.93
CA LYS A 241 6.26 14.15 -20.40
C LYS A 241 7.41 13.63 -19.50
N TYR A 242 7.08 12.69 -18.63
CA TYR A 242 8.07 12.08 -17.74
C TYR A 242 8.70 10.76 -18.24
N GLN A 243 8.38 10.34 -19.46
CA GLN A 243 9.04 9.16 -20.08
C GLN A 243 8.90 7.88 -19.22
N LEU A 244 7.71 7.72 -18.64
CA LEU A 244 7.48 6.63 -17.73
C LEU A 244 7.56 5.23 -18.32
N ASN A 245 7.32 5.07 -19.62
CA ASN A 245 7.32 3.74 -20.25
C ASN A 245 6.47 2.79 -19.46
N LEU A 246 5.25 3.22 -19.20
CA LEU A 246 4.32 2.35 -18.52
C LEU A 246 4.03 1.19 -19.46
N PRO A 247 3.90 -0.03 -18.90
CA PRO A 247 3.44 -1.15 -19.72
C PRO A 247 1.94 -1.07 -20.03
N SER A 248 1.53 -1.84 -21.03
CA SER A 248 0.12 -2.09 -21.30
C SER A 248 -0.58 -2.98 -20.23
N TYR A 249 -1.41 -2.33 -19.41
CA TYR A 249 -2.38 -3.07 -18.59
C TYR A 249 -3.25 -3.90 -19.57
N PRO A 250 -3.42 -5.21 -19.28
CA PRO A 250 -4.23 -6.06 -20.15
C PRO A 250 -5.72 -5.73 -20.04
N ASP A 251 -6.40 -5.68 -21.19
CA ASP A 251 -7.77 -5.17 -21.34
C ASP A 251 -8.19 -4.16 -20.28
N THR A 252 -8.95 -4.64 -19.30
CA THR A 252 -9.67 -3.83 -18.33
C THR A 252 -9.08 -3.98 -16.95
N GLU A 253 -7.89 -4.52 -16.84
CA GLU A 253 -7.28 -4.73 -15.53
C GLU A 253 -6.70 -3.43 -14.96
N CYS A 254 -6.70 -3.34 -13.62
CA CYS A 254 -6.16 -2.14 -12.94
C CYS A 254 -4.79 -2.38 -12.25
N VAL A 255 -4.19 -3.56 -12.49
CA VAL A 255 -2.84 -3.93 -12.02
C VAL A 255 -2.07 -4.69 -13.13
N TYR A 256 -0.74 -4.62 -13.06
CA TYR A 256 0.15 -5.35 -13.97
C TYR A 256 1.35 -5.88 -13.13
N ARG A 257 1.66 -7.15 -13.32
CA ARG A 257 2.82 -7.79 -12.69
C ARG A 257 4.14 -7.54 -13.44
N LEU A 258 5.14 -7.01 -12.76
CA LEU A 258 6.43 -6.68 -13.40
C LEU A 258 7.43 -7.84 -13.36
N GLN A 259 8.32 -7.90 -14.35
CA GLN A 259 9.45 -8.85 -14.43
C GLN A 259 10.66 -8.15 -15.04
PA NAP B . 2.98 9.39 3.72
O1A NAP B . 4.00 8.46 3.18
O2A NAP B . 1.64 8.82 3.93
O5B NAP B . 3.55 10.02 5.10
C5B NAP B . 3.90 11.39 5.29
C4B NAP B . 3.43 11.87 6.66
O4B NAP B . 3.77 10.85 7.57
C3B NAP B . 4.07 13.15 7.23
O3B NAP B . 3.40 14.35 6.93
C2B NAP B . 4.10 12.84 8.73
O2B NAP B . 2.82 13.04 9.36
C1B NAP B . 4.43 11.35 8.73
N9A NAP B . 5.89 11.01 8.75
C8A NAP B . 6.83 11.12 7.73
N7A NAP B . 8.01 10.63 8.20
C5A NAP B . 7.87 10.20 9.49
C6A NAP B . 8.74 9.63 10.43
N6A NAP B . 10.02 9.41 10.12
N1A NAP B . 8.28 9.29 11.70
C2A NAP B . 6.95 9.51 12.05
N3A NAP B . 6.09 10.07 11.12
C4A NAP B . 6.53 10.43 9.86
O3 NAP B . 2.91 10.60 2.64
PN NAP B . 1.73 11.55 2.04
O1N NAP B . 0.56 11.47 2.95
O2N NAP B . 2.31 12.88 1.76
O5D NAP B . 1.41 10.89 0.58
C5D NAP B . 2.27 10.02 -0.15
C4D NAP B . 1.59 8.66 -0.43
O4D NAP B . 0.23 8.76 -0.88
C3D NAP B . 2.32 7.86 -1.51
O3D NAP B . 2.88 6.68 -0.99
C2D NAP B . 1.25 7.59 -2.57
O2D NAP B . 1.36 6.32 -3.15
C1D NAP B . -0.05 7.73 -1.80
N1N NAP B . -1.19 8.03 -2.70
P2B NAP B . 2.54 13.22 10.97
O1X NAP B . 3.08 12.04 11.76
O2X NAP B . 1.06 13.31 11.32
O3X NAP B . 3.26 14.49 11.37
#